data_4F45
#
_entry.id   4F45
#
_cell.length_a   41.694
_cell.length_b   54.565
_cell.length_c   63.420
_cell.angle_alpha   109.670
_cell.angle_beta   91.110
_cell.angle_gamma   93.680
#
_symmetry.space_group_name_H-M   'P 1'
#
loop_
_entity.id
_entity.type
_entity.pdbx_description
1 polymer 'ADP-ribosyl cyclase 1'
2 non-polymer '[[(2R,3R,4R,5R)-5-(6-aminopurin-9-yl)-3-oxidanyl-4-phosphonooxy-oxolan-2-yl]methoxy-oxidanyl-phosphoryl] [(2R,3S,4R,5R)-5-(3-carboxypyridin-1-ium-1-yl)-3,4-bis(oxidanyl)oxolan-2-yl]methyl phosphate'
3 water water
#
_entity_poly.entity_id   1
_entity_poly.type   'polypeptide(L)'
_entity_poly.pdbx_seq_one_letter_code
;EFWRQTWSGPGTTKRFPETVLARCVKYTEIHPEMRHVDCQSVWDAFKGAFISKHPCDITEEDYQPLMKLGTQTVPCNKIL
LWSRIKDLAHQFTQVQRDMFTLEDTLLGYLADDLTWCGEFDTSKINYQSCPDWRKDCSNNPVSVFWKTVSRRFAEAACDV
VHVMLDGSRSKIFDKDSTFGSVQVHNLQPEKVQTLEAWVIHGGREDSRDLCQDPTIKELESIISKRNIQFSCKNIYRPDK
FLQCVKNPEDSSCTSEI
;
_entity_poly.pdbx_strand_id   A,B
#
loop_
_chem_comp.id
_chem_comp.type
_chem_comp.name
_chem_comp.formula
DN4 non-polymer '[[(2R,3R,4R,5R)-5-(6-aminopurin-9-yl)-3-oxidanyl-4-phosphonooxy-oxolan-2-yl]methoxy-oxidanyl-phosphoryl] [(2R,3S,4R,5R)-5-(3-carboxypyridin-1-ium-1-yl)-3,4-bis(oxidanyl)oxolan-2-yl]methyl phosphate' 'C21 H27 N6 O18 P3'
#
# COMPACT_ATOMS: atom_id res chain seq x y z
N GLU A 1 7.03 -22.10 12.90
CA GLU A 1 5.67 -22.68 13.10
C GLU A 1 4.90 -21.88 14.20
N PHE A 2 4.60 -22.47 15.35
CA PHE A 2 3.44 -22.03 16.13
C PHE A 2 3.68 -20.74 16.91
N TRP A 3 4.93 -20.31 17.03
CA TRP A 3 5.27 -19.06 17.73
C TRP A 3 5.26 -17.87 16.79
N ARG A 4 5.20 -18.13 15.49
CA ARG A 4 5.27 -17.06 14.50
C ARG A 4 3.86 -16.73 14.04
N GLN A 5 3.64 -15.47 13.68
CA GLN A 5 2.37 -15.07 13.12
C GLN A 5 2.63 -14.66 11.67
N THR A 6 1.70 -14.98 10.80
CA THR A 6 1.85 -14.70 9.38
C THR A 6 1.93 -13.19 9.12
N TRP A 7 1.10 -12.41 9.83
CA TRP A 7 0.95 -10.97 9.52
C TRP A 7 1.16 -10.09 10.70
N SER A 8 1.36 -8.80 10.44
CA SER A 8 1.56 -7.80 11.50
C SER A 8 0.28 -7.20 12.07
N GLY A 9 -0.88 -7.39 11.45
CA GLY A 9 -2.08 -6.71 11.88
C GLY A 9 -2.98 -7.61 12.71
N PRO A 10 -3.98 -7.03 13.38
CA PRO A 10 -4.93 -7.89 14.10
C PRO A 10 -5.54 -8.95 13.20
N GLY A 11 -5.90 -10.09 13.76
CA GLY A 11 -6.60 -11.13 12.98
C GLY A 11 -8.08 -10.83 12.83
N THR A 12 -8.82 -11.79 12.27
CA THR A 12 -10.23 -11.66 12.05
C THR A 12 -10.91 -11.57 13.40
N THR A 13 -11.83 -10.61 13.54
CA THR A 13 -12.67 -10.43 14.76
C THR A 13 -13.31 -11.74 15.15
N LYS A 14 -13.25 -12.09 16.43
CA LYS A 14 -13.87 -13.34 16.86
C LYS A 14 -15.37 -13.36 16.53
N ARG A 15 -15.88 -14.52 16.10
CA ARG A 15 -17.27 -14.67 15.71
C ARG A 15 -17.65 -13.74 14.55
N PHE A 16 -16.71 -13.45 13.67
CA PHE A 16 -16.95 -12.56 12.53
C PHE A 16 -18.16 -13.01 11.69
N PRO A 17 -18.26 -14.31 11.34
CA PRO A 17 -19.37 -14.77 10.50
C PRO A 17 -20.74 -14.56 11.15
N GLU A 18 -20.86 -15.00 12.39
CA GLU A 18 -22.08 -14.81 13.19
C GLU A 18 -22.44 -13.32 13.32
N THR A 19 -21.44 -12.50 13.49
CA THR A 19 -21.61 -11.06 13.70
C THR A 19 -22.11 -10.36 12.44
N VAL A 20 -21.52 -10.68 11.30
CA VAL A 20 -21.94 -10.08 10.01
C VAL A 20 -23.39 -10.43 9.71
N LEU A 21 -23.73 -11.70 9.94
CA LEU A 21 -25.07 -12.18 9.70
C LEU A 21 -26.07 -11.52 10.65
N ALA A 22 -25.72 -11.43 11.93
CA ALA A 22 -26.61 -10.81 12.92
C ALA A 22 -26.74 -9.33 12.62
N ARG A 23 -25.66 -8.69 12.18
CA ARG A 23 -25.77 -7.30 11.76
C ARG A 23 -26.69 -7.09 10.53
N CYS A 24 -26.63 -8.03 9.60
CA CYS A 24 -27.46 -7.97 8.40
C CYS A 24 -28.94 -8.06 8.77
N VAL A 25 -29.29 -9.10 9.55
CA VAL A 25 -30.63 -9.26 10.08
C VAL A 25 -31.11 -7.99 10.82
N LYS A 26 -30.28 -7.45 11.70
CA LYS A 26 -30.68 -6.25 12.46
C LYS A 26 -30.88 -5.04 11.54
N TYR A 27 -29.97 -4.82 10.60
CA TYR A 27 -30.07 -3.69 9.66
C TYR A 27 -31.40 -3.73 8.91
N THR A 28 -31.72 -4.89 8.37
CA THR A 28 -32.92 -5.07 7.56
C THR A 28 -34.20 -5.02 8.42
N GLU A 29 -34.05 -5.18 9.73
CA GLU A 29 -35.13 -4.87 10.69
C GLU A 29 -35.32 -3.36 10.84
N ILE A 30 -34.25 -2.64 11.16
CA ILE A 30 -34.29 -1.19 11.36
C ILE A 30 -34.65 -0.44 10.06
N HIS A 31 -34.24 -0.99 8.93
CA HIS A 31 -34.42 -0.35 7.63
C HIS A 31 -35.20 -1.25 6.71
N PRO A 32 -36.55 -1.22 6.79
CA PRO A 32 -37.47 -2.05 5.96
C PRO A 32 -37.18 -2.10 4.46
N GLU A 33 -36.77 -0.97 3.87
CA GLU A 33 -36.50 -0.89 2.43
C GLU A 33 -35.45 -1.91 1.93
N MET A 34 -34.61 -2.42 2.83
CA MET A 34 -33.57 -3.41 2.51
C MET A 34 -33.90 -4.87 2.90
N ARG A 35 -35.18 -5.15 3.16
CA ARG A 35 -35.61 -6.47 3.63
C ARG A 35 -35.67 -7.52 2.50
N HIS A 36 -35.62 -7.05 1.26
CA HIS A 36 -35.50 -7.95 0.11
C HIS A 36 -34.20 -8.71 0.19
N VAL A 37 -33.19 -8.10 0.83
CA VAL A 37 -31.86 -8.71 0.95
C VAL A 37 -31.90 -10.03 1.71
N ASP A 38 -31.25 -11.04 1.13
CA ASP A 38 -31.12 -12.34 1.75
C ASP A 38 -29.79 -12.26 2.48
N CYS A 39 -29.87 -12.29 3.80
CA CYS A 39 -28.71 -12.10 4.65
C CYS A 39 -27.68 -13.23 4.52
N GLN A 40 -28.16 -14.46 4.34
CA GLN A 40 -27.31 -15.61 4.00
C GLN A 40 -26.55 -15.41 2.67
N SER A 41 -27.24 -14.94 1.64
CA SER A 41 -26.60 -14.67 0.35
C SER A 41 -25.57 -13.55 0.45
N VAL A 42 -25.89 -12.54 1.25
CA VAL A 42 -24.94 -11.45 1.48
C VAL A 42 -23.66 -12.01 2.12
N TRP A 43 -23.80 -12.88 3.13
CA TRP A 43 -22.65 -13.44 3.82
C TRP A 43 -21.85 -14.32 2.88
N ASP A 44 -22.52 -15.15 2.11
CA ASP A 44 -21.86 -15.98 1.10
C ASP A 44 -21.06 -15.13 0.11
N ALA A 45 -21.65 -14.05 -0.38
CA ALA A 45 -20.92 -13.16 -1.29
C ALA A 45 -19.76 -12.42 -0.59
N PHE A 46 -19.90 -12.14 0.70
CA PHE A 46 -18.85 -11.44 1.44
C PHE A 46 -17.68 -12.41 1.60
N LYS A 47 -17.97 -13.59 2.14
CA LYS A 47 -17.03 -14.69 2.32
C LYS A 47 -16.32 -15.03 1.03
N GLY A 48 -17.08 -15.03 -0.07
CA GLY A 48 -16.54 -15.41 -1.37
C GLY A 48 -15.50 -14.46 -1.89
N ALA A 49 -15.51 -13.22 -1.39
CA ALA A 49 -14.60 -12.19 -1.85
C ALA A 49 -13.17 -12.41 -1.39
N PHE A 50 -12.98 -13.09 -0.25
CA PHE A 50 -11.64 -13.18 0.38
C PHE A 50 -11.19 -14.58 0.82
N ILE A 51 -12.11 -15.55 0.97
CA ILE A 51 -11.74 -16.89 1.46
C ILE A 51 -10.96 -17.69 0.42
N SER A 52 -9.92 -18.40 0.86
CA SER A 52 -9.00 -19.13 -0.04
C SER A 52 -8.09 -18.23 -0.88
N LYS A 53 -8.24 -16.92 -0.76
CA LYS A 53 -7.41 -15.96 -1.49
C LYS A 53 -6.25 -15.49 -0.66
N HIS A 54 -5.12 -15.28 -1.32
CA HIS A 54 -3.96 -14.73 -0.64
C HIS A 54 -4.36 -13.36 -0.21
N PRO A 55 -4.19 -13.03 1.09
CA PRO A 55 -4.67 -11.75 1.57
C PRO A 55 -3.93 -10.50 1.12
N CYS A 56 -2.93 -10.64 0.27
CA CYS A 56 -2.28 -9.50 -0.36
C CYS A 56 -2.70 -9.37 -1.82
N ASP A 57 -3.58 -10.23 -2.28
CA ASP A 57 -3.99 -10.25 -3.69
C ASP A 57 -5.47 -9.97 -3.95
N ILE A 58 -6.13 -9.31 -3.01
CA ILE A 58 -7.56 -9.03 -3.17
C ILE A 58 -7.81 -7.88 -4.16
N THR A 59 -8.87 -7.99 -4.96
CA THR A 59 -9.19 -7.00 -5.97
C THR A 59 -10.56 -6.43 -5.69
N GLU A 60 -10.81 -5.23 -6.19
CA GLU A 60 -12.18 -4.68 -6.13
C GLU A 60 -13.18 -5.63 -6.81
N GLU A 61 -12.82 -6.25 -7.92
CA GLU A 61 -13.73 -7.19 -8.57
C GLU A 61 -14.13 -8.38 -7.67
N ASP A 62 -13.25 -8.79 -6.75
CA ASP A 62 -13.60 -9.84 -5.79
C ASP A 62 -14.87 -9.48 -4.97
N TYR A 63 -15.06 -8.19 -4.69
CA TYR A 63 -16.19 -7.69 -3.94
C TYR A 63 -17.44 -7.29 -4.76
N GLN A 64 -17.37 -7.46 -6.06
CA GLN A 64 -18.46 -7.05 -6.92
C GLN A 64 -19.75 -7.77 -6.61
N PRO A 65 -19.67 -9.09 -6.36
CA PRO A 65 -20.93 -9.78 -6.07
C PRO A 65 -21.59 -9.28 -4.79
N LEU A 66 -20.82 -9.00 -3.77
CA LEU A 66 -21.31 -8.39 -2.56
C LEU A 66 -21.86 -6.99 -2.80
N MET A 67 -21.17 -6.18 -3.61
CA MET A 67 -21.62 -4.83 -3.97
C MET A 67 -23.01 -4.91 -4.59
N LYS A 68 -23.22 -5.89 -5.46
CA LYS A 68 -24.52 -6.03 -6.11
C LYS A 68 -25.61 -6.35 -5.11
N LEU A 69 -25.36 -7.34 -4.27
CA LEU A 69 -26.34 -7.72 -3.25
C LEU A 69 -26.63 -6.61 -2.26
N GLY A 70 -25.62 -5.78 -1.96
CA GLY A 70 -25.80 -4.62 -1.07
C GLY A 70 -26.12 -3.31 -1.76
N THR A 71 -26.56 -3.35 -3.01
CA THR A 71 -27.00 -2.15 -3.71
C THR A 71 -28.08 -1.44 -2.89
N GLN A 72 -27.90 -0.12 -2.76
CA GLN A 72 -28.75 0.72 -1.91
C GLN A 72 -28.75 2.21 -2.32
N THR A 73 -29.93 2.78 -2.46
CA THR A 73 -30.07 4.17 -2.85
C THR A 73 -30.22 5.01 -1.61
N VAL A 74 -29.20 5.80 -1.28
CA VAL A 74 -29.31 6.80 -0.23
C VAL A 74 -29.59 8.17 -0.84
N PRO A 75 -30.31 9.03 -0.13
CA PRO A 75 -30.48 10.37 -0.70
C PRO A 75 -29.12 11.05 -0.87
N CYS A 76 -28.79 11.39 -2.12
CA CYS A 76 -27.44 11.84 -2.45
C CYS A 76 -27.08 13.17 -1.80
N ASN A 77 -28.10 13.97 -1.48
CA ASN A 77 -27.88 15.25 -0.84
C ASN A 77 -27.81 15.18 0.67
N LYS A 78 -27.86 13.97 1.22
CA LYS A 78 -27.86 13.76 2.68
C LYS A 78 -26.65 12.94 3.17
N ILE A 79 -25.53 13.09 2.48
CA ILE A 79 -24.31 12.31 2.78
C ILE A 79 -23.31 13.07 3.63
N LEU A 80 -22.87 12.41 4.70
CA LEU A 80 -21.82 12.93 5.58
C LEU A 80 -20.58 12.04 5.48
N LEU A 81 -19.51 12.59 4.93
CA LEU A 81 -18.23 11.92 4.93
C LEU A 81 -17.49 12.35 6.18
N TRP A 82 -16.41 11.64 6.49
CA TRP A 82 -15.59 12.00 7.63
C TRP A 82 -14.23 11.38 7.53
N SER A 83 -13.30 11.92 8.31
CA SER A 83 -11.94 11.39 8.40
C SER A 83 -11.46 11.55 9.83
N ARG A 84 -11.06 10.46 10.47
CA ARG A 84 -10.42 10.49 11.79
C ARG A 84 -11.33 10.97 12.92
N ILE A 85 -12.64 10.96 12.71
CA ILE A 85 -13.58 11.43 13.72
C ILE A 85 -14.87 10.60 13.58
N LYS A 86 -14.69 9.29 13.57
CA LYS A 86 -15.75 8.31 13.40
C LYS A 86 -16.87 8.43 14.41
N ASP A 87 -16.49 8.68 15.67
CA ASP A 87 -17.43 8.62 16.79
C ASP A 87 -18.47 9.72 16.71
N LEU A 88 -18.03 10.95 16.50
CA LEU A 88 -18.94 12.08 16.49
C LEU A 88 -19.76 12.08 15.21
N ALA A 89 -19.14 11.65 14.12
CA ALA A 89 -19.83 11.51 12.83
C ALA A 89 -21.02 10.54 13.00
N HIS A 90 -20.80 9.45 13.72
CA HIS A 90 -21.83 8.43 13.91
C HIS A 90 -22.88 8.83 14.90
N GLN A 91 -22.48 9.55 15.95
CA GLN A 91 -23.43 10.05 16.91
C GLN A 91 -24.33 11.11 16.27
N PHE A 92 -23.73 11.95 15.42
CA PHE A 92 -24.46 12.93 14.67
C PHE A 92 -25.64 12.27 13.94
N THR A 93 -25.34 11.29 13.10
CA THR A 93 -26.41 10.68 12.32
C THR A 93 -27.30 9.75 13.14
N GLN A 94 -26.92 9.43 14.37
CA GLN A 94 -27.84 8.73 15.28
C GLN A 94 -28.97 9.66 15.69
N VAL A 95 -28.67 10.95 15.77
CA VAL A 95 -29.65 11.96 16.12
C VAL A 95 -30.31 12.53 14.86
N GLN A 96 -29.49 13.04 13.95
CA GLN A 96 -29.96 13.57 12.67
C GLN A 96 -30.22 12.39 11.73
N ARG A 97 -31.37 11.74 11.89
CA ARG A 97 -31.62 10.46 11.22
C ARG A 97 -31.86 10.51 9.70
N ASP A 98 -31.98 11.70 9.11
CA ASP A 98 -32.10 11.77 7.64
C ASP A 98 -30.74 11.92 6.94
N MET A 99 -29.64 11.79 7.68
CA MET A 99 -28.30 11.91 7.10
C MET A 99 -27.53 10.64 7.32
N PHE A 100 -26.62 10.35 6.40
CA PHE A 100 -26.00 9.06 6.33
C PHE A 100 -24.49 9.18 6.20
N THR A 101 -23.77 8.42 7.03
CA THR A 101 -22.38 8.13 6.76
C THR A 101 -22.44 6.81 6.05
N LEU A 102 -21.30 6.35 5.53
CA LEU A 102 -21.19 5.04 4.88
C LEU A 102 -21.60 3.88 5.76
N GLU A 103 -21.31 4.02 7.05
CA GLU A 103 -21.60 3.00 8.05
C GLU A 103 -23.07 2.93 8.41
N ASP A 104 -23.84 3.95 8.00
CA ASP A 104 -25.29 3.87 8.05
C ASP A 104 -25.91 3.13 6.83
N THR A 105 -25.12 2.77 5.82
CA THR A 105 -25.59 1.90 4.73
C THR A 105 -25.46 0.45 5.14
N LEU A 106 -26.15 -0.46 4.44
CA LEU A 106 -26.09 -1.85 4.83
C LEU A 106 -24.64 -2.31 4.86
N LEU A 107 -23.91 -2.07 3.77
CA LEU A 107 -22.55 -2.57 3.65
C LEU A 107 -21.57 -2.03 4.68
N GLY A 108 -21.56 -0.72 4.91
CA GLY A 108 -20.72 -0.10 5.91
C GLY A 108 -21.08 -0.56 7.30
N TYR A 109 -22.39 -0.70 7.56
CA TYR A 109 -22.90 -1.21 8.84
C TYR A 109 -22.41 -2.63 9.16
N LEU A 110 -22.43 -3.51 8.15
CA LEU A 110 -21.94 -4.87 8.33
C LEU A 110 -20.47 -4.96 8.76
N ALA A 111 -19.64 -4.12 8.13
CA ALA A 111 -18.19 -4.21 8.20
C ALA A 111 -17.56 -3.30 9.26
N ASP A 112 -18.33 -2.33 9.76
CA ASP A 112 -17.80 -1.33 10.67
C ASP A 112 -17.09 -1.95 11.90
N ASP A 113 -15.85 -1.53 12.14
CA ASP A 113 -15.02 -1.95 13.25
C ASP A 113 -14.68 -3.43 13.21
N LEU A 114 -14.75 -4.06 12.05
CA LEU A 114 -14.40 -5.47 12.01
C LEU A 114 -13.13 -5.64 11.21
N THR A 115 -12.44 -6.75 11.45
CA THR A 115 -11.27 -7.14 10.68
C THR A 115 -11.53 -8.56 10.17
N TRP A 116 -11.10 -8.87 8.95
CA TRP A 116 -11.23 -10.22 8.43
C TRP A 116 -10.18 -10.49 7.39
N CYS A 117 -9.78 -11.75 7.27
CA CYS A 117 -8.94 -12.23 6.15
C CYS A 117 -8.98 -13.75 6.06
N GLY A 118 -8.63 -14.28 4.89
CA GLY A 118 -8.53 -15.71 4.77
C GLY A 118 -7.07 -16.12 4.69
N GLU A 119 -6.85 -17.36 4.28
CA GLU A 119 -5.51 -17.92 4.10
C GLU A 119 -5.39 -18.41 2.68
N PHE A 120 -4.20 -18.33 2.11
CA PHE A 120 -3.99 -18.82 0.75
C PHE A 120 -4.31 -20.33 0.61
N ASP A 121 -5.28 -20.63 -0.24
CA ASP A 121 -5.59 -22.01 -0.64
C ASP A 121 -6.16 -22.90 0.47
N THR A 122 -6.79 -22.30 1.47
CA THR A 122 -7.60 -23.06 2.42
C THR A 122 -8.91 -22.31 2.56
N SER A 123 -9.92 -22.93 3.17
CA SER A 123 -11.18 -22.23 3.38
C SER A 123 -11.29 -21.70 4.82
N LYS A 124 -10.19 -21.72 5.57
CA LYS A 124 -10.18 -21.20 6.95
C LYS A 124 -10.08 -19.67 6.99
N ILE A 125 -10.85 -19.07 7.89
CA ILE A 125 -10.67 -17.68 8.25
C ILE A 125 -9.44 -17.55 9.15
N ASN A 126 -8.60 -16.54 8.96
CA ASN A 126 -7.45 -16.34 9.84
C ASN A 126 -7.79 -15.50 11.08
N TYR A 127 -7.80 -16.11 12.24
CA TYR A 127 -8.17 -15.41 13.48
C TYR A 127 -6.93 -14.98 14.30
N GLN A 128 -5.73 -15.17 13.78
CA GLN A 128 -4.52 -14.81 14.52
C GLN A 128 -4.05 -13.44 14.10
N SER A 129 -3.98 -13.22 12.79
CA SER A 129 -3.37 -12.01 12.26
C SER A 129 -3.84 -11.81 10.82
N CYS A 130 -3.85 -10.57 10.37
CA CYS A 130 -4.25 -10.20 9.00
C CYS A 130 -3.32 -9.11 8.53
N PRO A 131 -3.17 -8.95 7.22
CA PRO A 131 -2.22 -7.95 6.78
C PRO A 131 -2.51 -6.60 7.36
N ASP A 132 -1.45 -5.87 7.66
CA ASP A 132 -1.55 -4.47 8.01
C ASP A 132 -1.25 -3.68 6.72
N TRP A 133 -2.08 -2.68 6.45
CA TRP A 133 -2.01 -1.89 5.25
C TRP A 133 -0.63 -1.36 5.01
N ARG A 134 -0.02 -0.79 6.04
CA ARG A 134 1.31 -0.16 5.93
C ARG A 134 2.50 -1.11 5.98
N LYS A 135 2.47 -2.11 6.85
CA LYS A 135 3.64 -2.98 7.06
C LYS A 135 3.66 -4.22 6.17
N ASP A 136 2.50 -4.71 5.79
CA ASP A 136 2.42 -5.94 5.01
C ASP A 136 2.09 -5.61 3.56
N CYS A 137 0.84 -5.26 3.25
CA CYS A 137 0.47 -5.04 1.87
C CYS A 137 -0.86 -4.33 1.86
N SER A 138 -1.07 -3.46 0.88
CA SER A 138 -2.29 -2.65 0.84
C SER A 138 -3.51 -3.37 0.29
N ASN A 139 -3.33 -4.41 -0.52
CA ASN A 139 -4.47 -5.03 -1.21
C ASN A 139 -5.03 -6.18 -0.42
N ASN A 140 -5.44 -5.87 0.81
CA ASN A 140 -5.89 -6.86 1.71
C ASN A 140 -7.40 -6.76 1.80
N PRO A 141 -8.04 -7.82 2.30
CA PRO A 141 -9.50 -7.93 2.35
C PRO A 141 -10.27 -6.72 2.92
N VAL A 142 -9.76 -6.17 4.03
CA VAL A 142 -10.30 -4.99 4.70
C VAL A 142 -10.09 -3.67 3.98
N SER A 143 -8.85 -3.37 3.65
CA SER A 143 -8.55 -2.14 2.93
C SER A 143 -9.24 -2.10 1.52
N VAL A 144 -9.33 -3.24 0.83
CA VAL A 144 -9.88 -3.29 -0.52
C VAL A 144 -11.38 -3.12 -0.42
N PHE A 145 -12.00 -3.69 0.62
CA PHE A 145 -13.43 -3.49 0.88
C PHE A 145 -13.76 -2.02 1.06
N TRP A 146 -13.01 -1.36 1.95
CA TRP A 146 -13.31 0.05 2.28
C TRP A 146 -13.07 1.00 1.13
N LYS A 147 -12.03 0.75 0.35
CA LYS A 147 -11.73 1.51 -0.82
C LYS A 147 -12.90 1.45 -1.83
N THR A 148 -13.43 0.24 -2.01
CA THR A 148 -14.47 -0.03 -2.99
C THR A 148 -15.78 0.62 -2.56
N VAL A 149 -16.15 0.47 -1.30
CA VAL A 149 -17.42 1.08 -0.86
C VAL A 149 -17.28 2.58 -0.69
N SER A 150 -16.11 3.05 -0.29
CA SER A 150 -15.90 4.48 -0.12
C SER A 150 -15.95 5.23 -1.45
N ARG A 151 -15.38 4.62 -2.49
CA ARG A 151 -15.47 5.18 -3.83
C ARG A 151 -16.92 5.31 -4.27
N ARG A 152 -17.64 4.20 -4.20
CA ARG A 152 -19.01 4.15 -4.71
C ARG A 152 -19.89 5.15 -3.98
N PHE A 153 -19.71 5.23 -2.65
CA PHE A 153 -20.47 6.16 -1.80
C PHE A 153 -20.21 7.60 -2.21
N ALA A 154 -18.94 7.94 -2.45
CA ALA A 154 -18.56 9.28 -2.93
C ALA A 154 -19.18 9.63 -4.30
N GLU A 155 -19.17 8.65 -5.19
CA GLU A 155 -19.69 8.80 -6.55
C GLU A 155 -21.20 9.07 -6.55
N ALA A 156 -21.91 8.49 -5.60
CA ALA A 156 -23.34 8.67 -5.41
C ALA A 156 -23.76 10.04 -4.84
N ALA A 157 -22.81 10.81 -4.29
CA ALA A 157 -23.13 12.07 -3.59
C ALA A 157 -23.56 13.19 -4.54
N CYS A 158 -24.37 14.13 -4.04
CA CYS A 158 -24.82 15.31 -4.80
C CYS A 158 -25.07 16.53 -3.90
N ASP A 159 -25.31 17.68 -4.53
CA ASP A 159 -25.56 18.96 -3.82
C ASP A 159 -24.46 19.38 -2.88
N VAL A 160 -24.81 19.53 -1.61
CA VAL A 160 -23.87 19.95 -0.59
C VAL A 160 -23.48 18.68 0.11
N VAL A 161 -22.26 18.21 -0.13
CA VAL A 161 -21.74 17.06 0.57
C VAL A 161 -20.95 17.60 1.76
N HIS A 162 -21.21 17.05 2.94
CA HIS A 162 -20.54 17.50 4.16
C HIS A 162 -19.46 16.52 4.54
N VAL A 163 -18.34 17.01 5.06
CA VAL A 163 -17.26 16.18 5.62
C VAL A 163 -16.89 16.62 7.03
N MET A 164 -16.85 15.67 7.96
CA MET A 164 -16.44 15.95 9.33
C MET A 164 -14.96 15.64 9.44
N LEU A 165 -14.15 16.60 9.90
CA LEU A 165 -12.70 16.41 10.08
C LEU A 165 -12.28 16.69 11.52
N ASP A 166 -11.17 16.07 11.95
CA ASP A 166 -10.70 16.15 13.33
C ASP A 166 -9.68 17.26 13.48
N GLY A 167 -10.11 18.36 14.10
CA GLY A 167 -9.26 19.52 14.28
C GLY A 167 -8.22 19.38 15.38
N SER A 168 -8.36 18.38 16.26
CA SER A 168 -7.39 18.19 17.36
C SER A 168 -6.19 17.33 16.94
N ARG A 169 -6.17 16.93 15.67
CA ARG A 169 -5.24 15.93 15.17
C ARG A 169 -4.10 16.59 14.41
N SER A 170 -3.10 15.79 14.07
CA SER A 170 -1.84 16.24 13.47
C SER A 170 -2.03 16.91 12.11
N LYS A 171 -2.76 16.22 11.23
CA LYS A 171 -3.12 16.72 9.92
C LYS A 171 -4.62 16.68 9.85
N ILE A 172 -5.28 17.84 9.74
CA ILE A 172 -6.72 17.90 9.85
C ILE A 172 -7.36 17.23 8.62
N PHE A 173 -6.84 17.61 7.45
CA PHE A 173 -7.07 16.89 6.20
C PHE A 173 -5.78 16.19 5.81
N ASP A 174 -5.90 14.90 5.48
CA ASP A 174 -4.78 14.08 5.03
C ASP A 174 -5.09 13.47 3.67
N LYS A 175 -4.33 13.87 2.66
CA LYS A 175 -4.52 13.43 1.28
C LYS A 175 -4.41 11.93 1.13
N ASP A 176 -3.63 11.31 2.01
CA ASP A 176 -3.46 9.86 2.00
C ASP A 176 -4.55 9.08 2.71
N SER A 177 -5.44 9.75 3.43
CA SER A 177 -6.57 9.07 4.07
C SER A 177 -7.50 8.48 3.01
N THR A 178 -8.46 7.67 3.44
CA THR A 178 -9.46 7.13 2.52
C THR A 178 -10.27 8.29 1.95
N PHE A 179 -10.69 9.21 2.83
CA PHE A 179 -11.40 10.42 2.38
C PHE A 179 -10.57 11.18 1.35
N GLY A 180 -9.30 11.39 1.67
CA GLY A 180 -8.43 12.19 0.82
C GLY A 180 -8.04 11.55 -0.50
N SER A 181 -7.81 10.25 -0.51
CA SER A 181 -7.28 9.55 -1.69
C SER A 181 -8.33 8.85 -2.55
N VAL A 182 -9.51 8.58 -2.01
CA VAL A 182 -10.54 7.85 -2.75
C VAL A 182 -11.78 8.71 -2.95
N GLN A 183 -12.24 9.34 -1.88
CA GLN A 183 -13.52 10.03 -1.90
C GLN A 183 -13.46 11.38 -2.55
N VAL A 184 -12.50 12.20 -2.14
CA VAL A 184 -12.39 13.57 -2.68
C VAL A 184 -12.33 13.54 -4.20
N HIS A 185 -11.60 12.58 -4.75
CA HIS A 185 -11.37 12.49 -6.19
C HIS A 185 -12.50 11.83 -6.95
N ASN A 186 -13.44 11.23 -6.23
CA ASN A 186 -14.60 10.65 -6.88
C ASN A 186 -15.89 11.43 -6.64
N LEU A 187 -15.77 12.64 -6.10
CA LEU A 187 -16.92 13.56 -6.09
C LEU A 187 -17.18 14.09 -7.50
N GLN A 188 -18.39 13.86 -8.00
CA GLN A 188 -18.78 14.22 -9.36
C GLN A 188 -19.13 15.71 -9.48
N PRO A 189 -18.31 16.50 -10.18
CA PRO A 189 -18.64 17.94 -10.27
C PRO A 189 -20.00 18.26 -10.92
N GLU A 190 -20.53 17.28 -11.68
CA GLU A 190 -21.84 17.43 -12.32
C GLU A 190 -22.94 17.30 -11.27
N LYS A 191 -22.83 16.29 -10.42
CA LYS A 191 -23.81 16.06 -9.35
C LYS A 191 -23.55 16.96 -8.14
N VAL A 192 -22.31 16.98 -7.68
CA VAL A 192 -21.96 17.71 -6.47
C VAL A 192 -21.73 19.19 -6.73
N GLN A 193 -22.40 20.00 -5.92
CA GLN A 193 -22.28 21.45 -6.06
C GLN A 193 -21.23 21.97 -5.09
N THR A 194 -21.32 21.55 -3.82
CA THR A 194 -20.43 22.06 -2.76
C THR A 194 -19.87 20.95 -1.87
N LEU A 195 -18.65 21.13 -1.38
CA LEU A 195 -18.15 20.32 -0.26
C LEU A 195 -17.94 21.23 0.95
N GLU A 196 -18.65 20.96 2.03
CA GLU A 196 -18.54 21.77 3.23
C GLU A 196 -17.94 20.94 4.33
N ALA A 197 -16.82 21.39 4.86
CA ALA A 197 -16.13 20.65 5.92
C ALA A 197 -16.52 21.23 7.27
N TRP A 198 -16.72 20.35 8.25
CA TRP A 198 -16.95 20.75 9.64
C TRP A 198 -15.74 20.38 10.44
N VAL A 199 -14.88 21.34 10.75
CA VAL A 199 -13.65 21.05 11.49
C VAL A 199 -13.92 21.07 13.01
N ILE A 200 -13.91 19.88 13.61
CA ILE A 200 -14.28 19.69 15.01
C ILE A 200 -13.09 20.01 15.93
N HIS A 201 -13.36 20.45 17.16
CA HIS A 201 -12.30 20.83 18.11
C HIS A 201 -12.22 19.88 19.28
N GLY A 202 -11.05 19.77 19.90
CA GLY A 202 -10.85 18.98 21.11
C GLY A 202 -10.14 19.74 22.21
N GLY A 203 -10.73 20.85 22.64
CA GLY A 203 -10.15 21.69 23.71
C GLY A 203 -10.36 23.18 23.50
N ARG A 208 -9.26 29.21 18.15
CA ARG A 208 -8.68 29.70 16.89
C ARG A 208 -9.49 29.26 15.70
N ASP A 209 -9.13 29.73 14.51
CA ASP A 209 -9.84 29.39 13.29
C ASP A 209 -9.06 28.32 12.52
N LEU A 210 -9.60 27.10 12.50
CA LEU A 210 -8.92 25.96 11.88
C LEU A 210 -9.20 25.84 10.38
N CYS A 211 -10.21 26.54 9.88
CA CYS A 211 -10.47 26.59 8.44
C CYS A 211 -9.38 27.33 7.63
N GLN A 212 -8.37 27.87 8.31
CA GLN A 212 -7.21 28.47 7.63
C GLN A 212 -5.96 27.60 7.64
N ASP A 213 -6.02 26.48 8.33
CA ASP A 213 -4.93 25.50 8.34
C ASP A 213 -4.46 25.22 6.91
N PRO A 214 -3.14 25.04 6.73
CA PRO A 214 -2.63 24.71 5.40
C PRO A 214 -3.37 23.55 4.73
N THR A 215 -3.48 22.41 5.40
CA THR A 215 -4.15 21.24 4.80
C THR A 215 -5.61 21.51 4.38
N ILE A 216 -6.29 22.42 5.09
CA ILE A 216 -7.66 22.78 4.69
C ILE A 216 -7.64 23.54 3.37
N LYS A 217 -6.65 24.42 3.19
CA LYS A 217 -6.45 25.10 1.90
C LYS A 217 -6.03 24.12 0.80
N GLU A 218 -5.23 23.12 1.16
CA GLU A 218 -4.89 22.03 0.25
C GLU A 218 -6.18 21.36 -0.27
N LEU A 219 -7.07 21.04 0.66
CA LEU A 219 -8.38 20.50 0.33
C LEU A 219 -9.22 21.47 -0.51
N GLU A 220 -9.19 22.75 -0.14
CA GLU A 220 -9.88 23.80 -0.88
C GLU A 220 -9.38 23.84 -2.32
N SER A 221 -8.05 23.83 -2.48
CA SER A 221 -7.41 23.82 -3.80
C SER A 221 -7.80 22.57 -4.62
N ILE A 222 -7.82 21.42 -3.98
CA ILE A 222 -8.16 20.16 -4.65
C ILE A 222 -9.60 20.15 -5.17
N ILE A 223 -10.54 20.56 -4.32
CA ILE A 223 -11.96 20.57 -4.68
C ILE A 223 -12.27 21.65 -5.74
N SER A 224 -11.57 22.77 -5.67
CA SER A 224 -11.67 23.84 -6.69
C SER A 224 -11.25 23.35 -8.07
N LYS A 225 -10.18 22.57 -8.13
CA LYS A 225 -9.69 21.99 -9.39
C LYS A 225 -10.69 20.97 -9.97
N ARG A 226 -11.55 20.43 -9.13
CA ARG A 226 -12.63 19.56 -9.61
C ARG A 226 -13.89 20.35 -9.98
N ASN A 227 -13.84 21.68 -9.89
CA ASN A 227 -14.98 22.56 -10.18
C ASN A 227 -16.16 22.34 -9.22
N ILE A 228 -15.85 22.17 -7.95
CA ILE A 228 -16.84 22.10 -6.90
C ILE A 228 -16.51 23.23 -5.93
N GLN A 229 -17.56 23.86 -5.40
CA GLN A 229 -17.41 24.91 -4.40
C GLN A 229 -16.95 24.34 -3.05
N PHE A 230 -16.09 25.07 -2.34
CA PHE A 230 -15.66 24.64 -1.02
C PHE A 230 -16.19 25.57 0.06
N SER A 231 -16.60 25.00 1.20
CA SER A 231 -17.01 25.79 2.36
C SER A 231 -16.47 25.09 3.60
N CYS A 232 -16.28 25.83 4.67
CA CYS A 232 -15.73 25.28 5.92
C CYS A 232 -16.36 25.98 7.13
N LYS A 233 -16.58 25.24 8.21
CA LYS A 233 -17.10 25.82 9.46
C LYS A 233 -16.33 25.21 10.60
N ASN A 234 -16.02 25.99 11.62
CA ASN A 234 -15.48 25.43 12.86
C ASN A 234 -16.62 24.88 13.71
N ILE A 235 -16.35 23.80 14.45
CA ILE A 235 -17.24 23.40 15.53
C ILE A 235 -16.40 23.45 16.80
N TYR A 236 -16.61 24.54 17.57
CA TYR A 236 -15.78 24.87 18.73
C TYR A 236 -16.07 24.01 19.95
N ARG A 237 -17.32 23.60 20.13
CA ARG A 237 -17.69 22.69 21.20
C ARG A 237 -18.54 21.57 20.60
N PRO A 238 -17.90 20.42 20.30
CA PRO A 238 -18.65 19.30 19.75
C PRO A 238 -19.76 18.79 20.68
N ASP A 239 -19.51 18.87 21.98
CA ASP A 239 -20.54 18.56 22.99
C ASP A 239 -21.82 19.38 22.79
N LYS A 240 -21.67 20.68 22.61
CA LYS A 240 -22.78 21.60 22.40
C LYS A 240 -23.40 21.36 21.03
N PHE A 241 -22.54 21.14 20.03
CA PHE A 241 -22.99 20.86 18.68
C PHE A 241 -24.03 19.72 18.68
N LEU A 242 -23.69 18.60 19.33
CA LEU A 242 -24.61 17.47 19.44
C LEU A 242 -25.89 17.81 20.20
N GLN A 243 -25.78 18.57 21.29
CA GLN A 243 -26.95 18.97 22.06
C GLN A 243 -27.90 19.80 21.18
N CYS A 244 -27.34 20.78 20.48
CA CYS A 244 -28.12 21.60 19.53
C CYS A 244 -28.70 20.78 18.36
N VAL A 245 -27.98 19.75 17.90
CA VAL A 245 -28.51 18.85 16.86
C VAL A 245 -29.70 18.03 17.41
N LYS A 246 -29.60 17.57 18.65
CA LYS A 246 -30.67 16.81 19.30
C LYS A 246 -31.88 17.68 19.65
N ASN A 247 -31.63 18.91 20.11
CA ASN A 247 -32.70 19.84 20.46
C ASN A 247 -32.51 21.21 19.79
N PRO A 248 -32.86 21.33 18.50
CA PRO A 248 -32.70 22.63 17.83
C PRO A 248 -33.74 23.68 18.29
N GLU A 249 -34.66 23.29 19.19
CA GLU A 249 -35.56 24.21 19.89
C GLU A 249 -34.79 25.13 20.84
N ASP A 250 -33.79 24.57 21.54
CA ASP A 250 -32.94 25.30 22.49
C ASP A 250 -32.42 26.65 21.93
N SER A 251 -32.47 27.68 22.77
CA SER A 251 -32.11 29.05 22.35
C SER A 251 -30.62 29.28 22.21
N SER A 252 -29.82 28.67 23.08
CA SER A 252 -28.36 28.88 23.07
C SER A 252 -27.67 28.13 21.91
N CYS A 253 -28.16 28.35 20.69
CA CYS A 253 -27.64 27.68 19.49
C CYS A 253 -27.47 28.68 18.34
N PHE B 2 31.71 5.73 24.62
CA PHE B 2 32.40 5.31 23.37
C PHE B 2 32.37 3.80 23.18
N TRP B 3 32.20 3.06 24.27
CA TRP B 3 32.19 1.59 24.25
C TRP B 3 30.86 0.98 23.85
N ARG B 4 29.80 1.80 23.81
CA ARG B 4 28.46 1.33 23.54
C ARG B 4 27.97 1.89 22.21
N GLN B 5 27.05 1.15 21.58
CA GLN B 5 26.45 1.55 20.31
C GLN B 5 24.93 1.44 20.41
N THR B 6 24.23 2.35 19.75
CA THR B 6 22.77 2.35 19.79
C THR B 6 22.19 1.10 19.11
N TRP B 7 22.62 0.77 17.89
CA TRP B 7 21.92 -0.26 17.09
C TRP B 7 22.68 -1.54 16.91
N SER B 8 21.97 -2.56 16.42
CA SER B 8 22.55 -3.88 16.19
C SER B 8 23.22 -4.05 14.84
N GLY B 9 22.87 -3.22 13.88
CA GLY B 9 23.35 -3.41 12.52
C GLY B 9 24.57 -2.56 12.23
N PRO B 10 25.27 -2.88 11.13
CA PRO B 10 26.42 -2.08 10.73
C PRO B 10 26.01 -0.64 10.52
N GLY B 11 26.93 0.27 10.71
CA GLY B 11 26.64 1.68 10.51
C GLY B 11 26.71 2.06 9.06
N THR B 12 26.58 3.36 8.81
CA THR B 12 26.68 3.89 7.48
C THR B 12 28.03 3.60 6.86
N THR B 13 28.00 3.19 5.59
CA THR B 13 29.21 2.89 4.84
C THR B 13 30.10 4.08 4.79
N LYS B 14 31.42 3.83 4.93
CA LYS B 14 32.45 4.85 4.81
C LYS B 14 32.25 5.68 3.56
N ARG B 15 32.31 7.00 3.70
CA ARG B 15 32.19 7.95 2.59
C ARG B 15 30.87 7.79 1.84
N PHE B 16 29.79 7.54 2.59
CA PHE B 16 28.48 7.35 1.98
C PHE B 16 28.08 8.54 1.10
N PRO B 17 28.16 9.77 1.63
CA PRO B 17 27.76 10.92 0.80
C PRO B 17 28.57 10.99 -0.48
N GLU B 18 29.89 10.93 -0.35
CA GLU B 18 30.78 11.00 -1.50
C GLU B 18 30.42 9.92 -2.51
N THR B 19 30.24 8.69 -2.03
CA THR B 19 29.93 7.56 -2.89
C THR B 19 28.64 7.75 -3.66
N VAL B 20 27.58 8.19 -2.98
CA VAL B 20 26.27 8.40 -3.61
C VAL B 20 26.34 9.48 -4.69
N LEU B 21 26.98 10.59 -4.36
CA LEU B 21 27.18 11.69 -5.29
C LEU B 21 27.99 11.25 -6.53
N ALA B 22 29.11 10.56 -6.32
CA ALA B 22 29.95 10.11 -7.43
C ALA B 22 29.28 8.99 -8.25
N ARG B 23 28.42 8.19 -7.63
CA ARG B 23 27.62 7.21 -8.38
C ARG B 23 26.57 7.88 -9.27
N CYS B 24 25.94 8.95 -8.78
CA CYS B 24 24.97 9.66 -9.59
C CYS B 24 25.69 10.28 -10.80
N VAL B 25 26.83 10.95 -10.56
CA VAL B 25 27.61 11.55 -11.66
C VAL B 25 27.88 10.49 -12.72
N LYS B 26 28.38 9.34 -12.30
CA LYS B 26 28.76 8.27 -13.23
C LYS B 26 27.56 7.67 -13.97
N TYR B 27 26.45 7.44 -13.27
CA TYR B 27 25.26 6.88 -13.91
C TYR B 27 24.68 7.82 -14.97
N THR B 28 24.70 9.13 -14.65
CA THR B 28 24.03 10.13 -15.49
C THR B 28 24.95 10.65 -16.57
N GLU B 29 26.21 10.21 -16.59
CA GLU B 29 27.07 10.44 -17.75
C GLU B 29 27.13 9.22 -18.68
N ILE B 30 26.77 8.04 -18.19
CA ILE B 30 26.71 6.82 -19.00
C ILE B 30 25.33 6.66 -19.68
N HIS B 31 24.27 6.97 -18.96
CA HIS B 31 22.90 6.88 -19.44
C HIS B 31 22.38 8.23 -19.88
N PRO B 32 22.07 8.40 -21.17
CA PRO B 32 21.63 9.70 -21.70
C PRO B 32 20.20 10.13 -21.36
N GLU B 33 19.34 9.19 -20.94
CA GLU B 33 17.99 9.53 -20.46
C GLU B 33 18.04 10.31 -19.14
N MET B 34 19.00 9.93 -18.29
CA MET B 34 19.21 10.57 -16.98
C MET B 34 20.20 11.75 -17.07
N ARG B 35 20.52 12.15 -18.29
CA ARG B 35 21.42 13.25 -18.55
C ARG B 35 20.90 14.60 -17.99
N HIS B 36 19.59 14.71 -17.80
CA HIS B 36 18.98 15.91 -17.19
C HIS B 36 18.54 15.64 -15.76
N VAL B 37 19.48 15.13 -14.97
CA VAL B 37 19.30 14.91 -13.53
C VAL B 37 20.34 15.79 -12.81
N ASP B 38 19.90 16.59 -11.83
CA ASP B 38 20.83 17.36 -11.00
C ASP B 38 21.23 16.50 -9.79
N CYS B 39 22.48 16.05 -9.79
CA CYS B 39 22.92 15.04 -8.83
C CYS B 39 23.08 15.60 -7.39
N GLN B 40 23.30 16.90 -7.27
CA GLN B 40 23.27 17.54 -5.96
C GLN B 40 21.83 17.49 -5.42
N SER B 41 20.84 17.70 -6.31
CA SER B 41 19.42 17.62 -5.93
C SER B 41 19.03 16.21 -5.54
N VAL B 42 19.54 15.24 -6.29
CA VAL B 42 19.30 13.85 -5.97
C VAL B 42 19.88 13.59 -4.57
N TRP B 43 21.08 14.11 -4.29
CA TRP B 43 21.71 13.85 -3.00
C TRP B 43 20.97 14.53 -1.89
N ASP B 44 20.46 15.72 -2.16
CA ASP B 44 19.66 16.44 -1.17
C ASP B 44 18.31 15.76 -0.90
N ALA B 45 17.69 15.19 -1.93
CA ALA B 45 16.45 14.42 -1.77
C ALA B 45 16.71 13.13 -0.98
N PHE B 46 17.86 12.51 -1.23
CA PHE B 46 18.24 11.27 -0.55
C PHE B 46 18.48 11.53 0.94
N LYS B 47 19.36 12.47 1.23
CA LYS B 47 19.69 12.84 2.60
C LYS B 47 18.45 13.37 3.34
N GLY B 48 17.60 14.11 2.62
CA GLY B 48 16.39 14.65 3.21
C GLY B 48 15.38 13.62 3.69
N ALA B 49 15.51 12.37 3.21
CA ALA B 49 14.59 11.32 3.63
C ALA B 49 14.93 10.71 4.99
N PHE B 50 16.21 10.73 5.39
CA PHE B 50 16.63 10.06 6.65
C PHE B 50 17.38 10.93 7.68
N ILE B 51 18.03 12.00 7.25
CA ILE B 51 18.76 12.90 8.16
C ILE B 51 17.84 13.60 9.17
N SER B 52 18.32 13.74 10.40
CA SER B 52 17.52 14.24 11.53
C SER B 52 16.19 13.52 11.79
N LYS B 53 16.04 12.28 11.33
CA LYS B 53 14.82 11.51 11.57
C LYS B 53 15.13 10.26 12.39
N HIS B 54 14.15 9.83 13.18
CA HIS B 54 14.33 8.63 13.98
C HIS B 54 14.47 7.45 13.07
N PRO B 55 15.61 6.77 13.14
CA PRO B 55 15.86 5.70 12.20
C PRO B 55 14.95 4.47 12.33
N CYS B 56 13.98 4.48 13.26
CA CYS B 56 12.95 3.44 13.27
C CYS B 56 11.59 4.02 12.93
N ASP B 57 11.57 5.24 12.40
CA ASP B 57 10.33 5.90 12.03
C ASP B 57 10.32 6.45 10.60
N ILE B 58 11.03 5.78 9.71
CA ILE B 58 11.10 6.19 8.31
C ILE B 58 9.87 5.65 7.57
N THR B 59 9.38 6.42 6.62
CA THR B 59 8.16 6.09 5.86
C THR B 59 8.44 6.19 4.38
N GLU B 60 7.63 5.53 3.57
CA GLU B 60 7.73 5.66 2.11
C GLU B 60 7.70 7.13 1.71
N GLU B 61 6.85 7.92 2.32
CA GLU B 61 6.72 9.34 1.97
C GLU B 61 8.03 10.12 2.13
N ASP B 62 8.83 9.76 3.13
CA ASP B 62 10.14 10.39 3.31
C ASP B 62 11.00 10.33 2.03
N TYR B 63 10.84 9.27 1.26
CA TYR B 63 11.63 9.03 0.05
C TYR B 63 10.96 9.55 -1.23
N GLN B 64 9.83 10.21 -1.10
CA GLN B 64 9.07 10.68 -2.25
C GLN B 64 9.81 11.72 -3.09
N PRO B 65 10.44 12.72 -2.44
CA PRO B 65 11.24 13.61 -3.28
C PRO B 65 12.30 12.86 -4.08
N LEU B 66 13.00 11.91 -3.43
CA LEU B 66 14.03 11.14 -4.13
C LEU B 66 13.42 10.36 -5.29
N MET B 67 12.29 9.71 -5.04
CA MET B 67 11.63 8.91 -6.09
C MET B 67 11.27 9.81 -7.26
N LYS B 68 10.79 11.02 -6.98
CA LYS B 68 10.36 11.90 -8.04
C LYS B 68 11.56 12.29 -8.90
N LEU B 69 12.62 12.77 -8.26
CA LEU B 69 13.85 13.12 -8.95
C LEU B 69 14.50 11.94 -9.66
N GLY B 70 14.26 10.73 -9.17
CA GLY B 70 14.85 9.54 -9.77
C GLY B 70 13.97 8.85 -10.78
N THR B 71 12.81 9.43 -11.07
CA THR B 71 11.89 8.84 -12.05
C THR B 71 12.63 8.44 -13.32
N GLN B 72 12.26 7.29 -13.86
CA GLN B 72 12.99 6.66 -14.92
C GLN B 72 12.11 5.63 -15.60
N THR B 73 11.99 5.70 -16.92
CA THR B 73 11.26 4.67 -17.65
C THR B 73 12.18 3.53 -18.06
N VAL B 74 11.92 2.36 -17.52
CA VAL B 74 12.63 1.16 -17.88
C VAL B 74 11.76 0.41 -18.90
N PRO B 75 12.38 -0.15 -19.95
CA PRO B 75 11.55 -0.97 -20.86
C PRO B 75 10.83 -2.05 -20.06
N CYS B 76 9.49 -1.97 -20.03
CA CYS B 76 8.71 -2.74 -19.03
C CYS B 76 8.76 -4.25 -19.24
N ASN B 77 8.99 -4.68 -20.49
CA ASN B 77 9.08 -6.10 -20.79
C ASN B 77 10.47 -6.73 -20.60
N LYS B 78 11.43 -5.95 -20.10
CA LYS B 78 12.83 -6.38 -20.03
C LYS B 78 13.34 -6.40 -18.57
N ILE B 79 12.43 -6.63 -17.65
CA ILE B 79 12.75 -6.55 -16.23
C ILE B 79 13.16 -7.91 -15.69
N LEU B 80 14.28 -7.93 -14.95
CA LEU B 80 14.74 -9.12 -14.23
C LEU B 80 14.68 -8.90 -12.71
N LEU B 81 13.81 -9.66 -12.06
CA LEU B 81 13.76 -9.68 -10.61
C LEU B 81 14.71 -10.80 -10.14
N TRP B 82 15.05 -10.83 -8.86
CA TRP B 82 15.89 -11.92 -8.32
C TRP B 82 15.73 -12.01 -6.82
N SER B 83 16.07 -13.18 -6.27
CA SER B 83 16.07 -13.36 -4.83
C SER B 83 17.27 -14.26 -4.46
N ARG B 84 18.13 -13.79 -3.56
CA ARG B 84 19.27 -14.55 -3.00
C ARG B 84 20.31 -15.00 -4.01
N ILE B 85 20.43 -14.30 -5.14
CA ILE B 85 21.35 -14.68 -6.20
C ILE B 85 21.83 -13.40 -6.92
N LYS B 86 22.26 -12.45 -6.11
CA LYS B 86 22.55 -11.08 -6.56
C LYS B 86 23.66 -10.98 -7.59
N ASP B 87 24.75 -11.71 -7.35
CA ASP B 87 25.91 -11.65 -8.20
C ASP B 87 25.63 -12.11 -9.62
N LEU B 88 25.01 -13.27 -9.78
CA LEU B 88 24.75 -13.80 -11.10
C LEU B 88 23.71 -12.95 -11.87
N ALA B 89 22.65 -12.52 -11.19
CA ALA B 89 21.68 -11.59 -11.77
C ALA B 89 22.37 -10.35 -12.37
N HIS B 90 23.29 -9.76 -11.62
CA HIS B 90 24.02 -8.56 -12.10
C HIS B 90 25.01 -8.82 -13.18
N GLN B 91 25.75 -9.92 -13.08
CA GLN B 91 26.63 -10.35 -14.17
C GLN B 91 25.85 -10.67 -15.43
N PHE B 92 24.66 -11.23 -15.27
CA PHE B 92 23.78 -11.45 -16.43
C PHE B 92 23.43 -10.11 -17.14
N THR B 93 22.96 -9.12 -16.41
CA THR B 93 22.59 -7.85 -17.07
C THR B 93 23.79 -7.01 -17.51
N GLN B 94 24.93 -7.15 -16.84
CA GLN B 94 26.19 -6.59 -17.34
C GLN B 94 26.55 -7.07 -18.76
N VAL B 95 26.18 -8.28 -19.11
CA VAL B 95 26.48 -8.78 -20.43
C VAL B 95 25.26 -8.59 -21.36
N GLN B 96 24.10 -9.03 -20.88
CA GLN B 96 22.85 -8.95 -21.61
C GLN B 96 22.20 -7.62 -21.30
N ARG B 97 22.66 -6.56 -21.96
CA ARG B 97 22.39 -5.19 -21.52
C ARG B 97 21.02 -4.64 -21.91
N ASP B 98 20.21 -5.45 -22.58
CA ASP B 98 18.80 -5.10 -22.83
C ASP B 98 17.84 -5.65 -21.72
N MET B 99 18.39 -6.28 -20.68
CA MET B 99 17.61 -6.61 -19.48
C MET B 99 18.12 -5.84 -18.26
N PHE B 100 17.23 -5.57 -17.30
CA PHE B 100 17.47 -4.60 -16.24
C PHE B 100 17.00 -5.17 -14.90
N THR B 101 17.91 -5.19 -13.92
CA THR B 101 17.55 -5.42 -12.53
C THR B 101 17.31 -4.03 -11.96
N LEU B 102 16.75 -3.98 -10.77
CA LEU B 102 16.54 -2.71 -10.09
C LEU B 102 17.82 -1.93 -9.88
N GLU B 103 18.92 -2.65 -9.65
CA GLU B 103 20.22 -2.02 -9.45
C GLU B 103 20.84 -1.46 -10.73
N ASP B 104 20.18 -1.66 -11.86
CA ASP B 104 20.58 -1.03 -13.10
C ASP B 104 19.79 0.26 -13.34
N THR B 105 18.83 0.58 -12.46
CA THR B 105 18.13 1.86 -12.52
C THR B 105 18.92 2.91 -11.71
N LEU B 106 18.64 4.19 -11.91
CA LEU B 106 19.42 5.22 -11.22
C LEU B 106 19.35 5.01 -9.70
N LEU B 107 18.14 4.84 -9.19
CA LEU B 107 17.95 4.76 -7.73
C LEU B 107 18.61 3.54 -7.11
N GLY B 108 18.41 2.38 -7.74
CA GLY B 108 19.02 1.14 -7.30
C GLY B 108 20.53 1.12 -7.36
N TYR B 109 21.08 1.78 -8.37
CA TYR B 109 22.51 1.91 -8.56
C TYR B 109 23.13 2.76 -7.49
N LEU B 110 22.44 3.84 -7.13
CA LEU B 110 22.93 4.73 -6.06
C LEU B 110 23.11 3.96 -4.75
N ALA B 111 22.12 3.12 -4.43
CA ALA B 111 22.01 2.53 -3.10
C ALA B 111 22.67 1.16 -2.96
N ASP B 112 22.84 0.45 -4.08
CA ASP B 112 23.33 -0.93 -4.07
C ASP B 112 24.52 -1.09 -3.11
N ASP B 113 24.40 -2.01 -2.17
CA ASP B 113 25.49 -2.42 -1.28
C ASP B 113 25.84 -1.38 -0.22
N LEU B 114 25.00 -0.36 -0.04
CA LEU B 114 25.29 0.72 0.89
C LEU B 114 24.35 0.60 2.10
N THR B 115 24.82 1.09 3.24
CA THR B 115 24.01 1.21 4.44
C THR B 115 24.01 2.67 4.83
N TRP B 116 22.89 3.14 5.35
CA TRP B 116 22.83 4.50 5.84
C TRP B 116 21.79 4.71 6.93
N CYS B 117 22.12 5.59 7.87
CA CYS B 117 21.12 6.08 8.82
C CYS B 117 21.53 7.41 9.42
N GLY B 118 20.53 8.07 10.00
CA GLY B 118 20.72 9.32 10.68
C GLY B 118 20.49 9.13 12.18
N GLU B 119 20.40 10.25 12.87
CA GLU B 119 20.07 10.30 14.29
C GLU B 119 18.85 11.21 14.43
N PHE B 120 18.02 11.00 15.44
CA PHE B 120 16.87 11.87 15.68
C PHE B 120 17.32 13.22 16.24
N ASP B 121 16.81 14.32 15.67
CA ASP B 121 17.10 15.70 16.12
C ASP B 121 18.58 16.12 16.08
N THR B 122 19.32 15.57 15.12
CA THR B 122 20.71 15.96 14.84
C THR B 122 20.92 15.77 13.36
N SER B 123 21.88 16.48 12.78
CA SER B 123 22.12 16.42 11.35
C SER B 123 23.08 15.30 10.96
N LYS B 124 23.73 14.68 11.95
CA LYS B 124 24.83 13.76 11.67
C LYS B 124 24.38 12.42 11.09
N ILE B 125 25.27 11.83 10.30
CA ILE B 125 25.15 10.47 9.78
C ILE B 125 25.84 9.56 10.79
N ASN B 126 25.15 8.49 11.17
CA ASN B 126 25.68 7.55 12.12
C ASN B 126 26.56 6.53 11.41
N TYR B 127 27.87 6.69 11.53
CA TYR B 127 28.83 5.74 10.95
C TYR B 127 29.16 4.57 11.90
N GLN B 128 28.57 4.58 13.08
CA GLN B 128 28.86 3.56 14.09
C GLN B 128 27.89 2.37 14.01
N SER B 129 26.59 2.66 14.02
CA SER B 129 25.58 1.60 13.87
C SER B 129 24.27 2.12 13.23
N CYS B 130 23.54 1.19 12.61
CA CYS B 130 22.21 1.46 12.06
C CYS B 130 21.25 0.34 12.47
N PRO B 131 19.93 0.63 12.46
CA PRO B 131 18.99 -0.40 12.90
C PRO B 131 19.08 -1.71 12.10
N ASP B 132 19.11 -2.83 12.77
CA ASP B 132 18.97 -4.08 12.06
C ASP B 132 17.48 -4.40 11.80
N TRP B 133 17.19 -4.83 10.58
CA TRP B 133 15.84 -5.18 10.16
C TRP B 133 15.17 -6.13 11.11
N ARG B 134 15.77 -7.26 11.44
CA ARG B 134 15.10 -8.16 12.38
C ARG B 134 15.35 -7.82 13.86
N LYS B 135 16.56 -7.43 14.22
CA LYS B 135 16.89 -7.23 15.64
C LYS B 135 16.42 -5.90 16.22
N ASP B 136 16.16 -4.89 15.38
CA ASP B 136 15.78 -3.57 15.93
C ASP B 136 14.39 -3.16 15.43
N CYS B 137 14.25 -2.83 14.17
CA CYS B 137 12.98 -2.33 13.65
C CYS B 137 12.99 -2.41 12.16
N SER B 138 11.84 -2.74 11.59
CA SER B 138 11.74 -2.89 10.15
C SER B 138 11.62 -1.56 9.41
N ASN B 139 11.18 -0.49 10.08
CA ASN B 139 10.96 0.81 9.41
C ASN B 139 12.19 1.73 9.45
N ASN B 140 13.31 1.17 9.01
CA ASN B 140 14.59 1.86 9.02
C ASN B 140 14.90 2.40 7.60
N PRO B 141 15.88 3.31 7.47
CA PRO B 141 16.15 3.98 6.19
C PRO B 141 16.41 3.04 5.02
N VAL B 142 17.28 2.07 5.23
CA VAL B 142 17.61 1.12 4.19
C VAL B 142 16.41 0.27 3.77
N SER B 143 15.77 -0.41 4.72
CA SER B 143 14.67 -1.31 4.40
C SER B 143 13.49 -0.55 3.77
N VAL B 144 13.18 0.63 4.28
CA VAL B 144 12.06 1.39 3.73
C VAL B 144 12.39 1.76 2.30
N PHE B 145 13.65 2.13 2.04
CA PHE B 145 14.05 2.47 0.65
C PHE B 145 13.82 1.31 -0.31
N TRP B 146 14.31 0.14 0.06
CA TRP B 146 14.29 -0.99 -0.85
C TRP B 146 12.91 -1.47 -1.05
N LYS B 147 12.10 -1.45 0.01
CA LYS B 147 10.72 -1.86 -0.10
C LYS B 147 10.00 -0.92 -1.09
N THR B 148 10.26 0.38 -1.02
CA THR B 148 9.62 1.36 -1.88
C THR B 148 10.03 1.19 -3.35
N VAL B 149 11.33 1.15 -3.64
CA VAL B 149 11.77 1.02 -5.03
C VAL B 149 11.52 -0.40 -5.58
N SER B 150 11.53 -1.42 -4.73
CA SER B 150 11.23 -2.80 -5.18
C SER B 150 9.76 -2.88 -5.58
N ARG B 151 8.90 -2.23 -4.81
CA ARG B 151 7.46 -2.19 -5.14
C ARG B 151 7.25 -1.52 -6.49
N ARG B 152 7.82 -0.33 -6.66
CA ARG B 152 7.63 0.46 -7.88
C ARG B 152 8.22 -0.23 -9.11
N PHE B 153 9.34 -0.91 -8.93
CA PHE B 153 9.93 -1.65 -10.04
C PHE B 153 9.00 -2.79 -10.48
N ALA B 154 8.45 -3.52 -9.52
CA ALA B 154 7.52 -4.61 -9.85
C ALA B 154 6.26 -4.07 -10.58
N GLU B 155 5.78 -2.91 -10.16
CA GLU B 155 4.58 -2.26 -10.77
C GLU B 155 4.80 -1.75 -12.19
N ALA B 156 6.04 -1.47 -12.55
CA ALA B 156 6.39 -1.02 -13.88
C ALA B 156 6.54 -2.21 -14.83
N ALA B 157 6.62 -3.44 -14.31
CA ALA B 157 6.81 -4.62 -15.19
C ALA B 157 5.62 -4.92 -16.09
N CYS B 158 5.91 -5.44 -17.28
CA CYS B 158 4.85 -5.89 -18.17
C CYS B 158 5.32 -7.13 -18.92
N ASP B 159 4.39 -7.75 -19.64
CA ASP B 159 4.63 -8.89 -20.55
C ASP B 159 5.21 -10.11 -19.86
N VAL B 160 6.42 -10.51 -20.20
CA VAL B 160 7.08 -11.60 -19.48
C VAL B 160 8.07 -10.95 -18.51
N VAL B 161 7.83 -11.18 -17.22
CA VAL B 161 8.72 -10.79 -16.15
C VAL B 161 9.50 -12.05 -15.75
N HIS B 162 10.80 -11.89 -15.65
CA HIS B 162 11.73 -12.97 -15.30
C HIS B 162 12.22 -12.75 -13.87
N VAL B 163 12.32 -13.86 -13.14
CA VAL B 163 12.96 -13.84 -11.79
C VAL B 163 14.01 -14.95 -11.67
N MET B 164 15.19 -14.56 -11.20
CA MET B 164 16.29 -15.49 -10.94
C MET B 164 16.21 -15.93 -9.48
N LEU B 165 16.20 -17.25 -9.27
CA LEU B 165 16.16 -17.83 -7.92
C LEU B 165 17.31 -18.80 -7.72
N ASP B 166 17.70 -18.94 -6.46
CA ASP B 166 18.88 -19.72 -6.08
C ASP B 166 18.47 -21.13 -5.74
N GLY B 167 18.72 -22.04 -6.66
CA GLY B 167 18.34 -23.44 -6.49
C GLY B 167 19.01 -24.23 -5.37
N SER B 168 19.95 -23.60 -4.65
CA SER B 168 20.65 -24.27 -3.55
C SER B 168 20.28 -23.72 -2.17
N ARG B 169 19.39 -22.72 -2.11
CA ARG B 169 18.86 -22.24 -0.82
C ARG B 169 17.97 -23.31 -0.19
N SER B 170 17.64 -23.11 1.08
CA SER B 170 16.69 -23.95 1.79
C SER B 170 15.35 -23.81 1.09
N LYS B 171 14.92 -22.57 0.92
CA LYS B 171 13.70 -22.23 0.22
C LYS B 171 14.06 -21.48 -1.07
N ILE B 172 13.93 -22.15 -2.20
CA ILE B 172 14.26 -21.55 -3.50
C ILE B 172 13.37 -20.30 -3.72
N PHE B 173 12.07 -20.44 -3.44
CA PHE B 173 11.17 -19.31 -3.36
C PHE B 173 10.85 -19.11 -1.90
N ASP B 174 11.09 -17.92 -1.40
CA ASP B 174 10.88 -17.62 0.00
C ASP B 174 9.85 -16.51 0.08
N LYS B 175 8.71 -16.83 0.66
CA LYS B 175 7.55 -15.92 0.69
C LYS B 175 7.83 -14.67 1.54
N ASP B 176 8.81 -14.79 2.43
CA ASP B 176 9.17 -13.73 3.36
C ASP B 176 10.29 -12.81 2.83
N SER B 177 10.80 -13.13 1.64
CA SER B 177 11.80 -12.28 0.97
C SER B 177 11.09 -11.06 0.38
N THR B 178 11.88 -10.05 0.01
CA THR B 178 11.35 -8.90 -0.72
C THR B 178 10.66 -9.35 -2.00
N PHE B 179 11.29 -10.26 -2.74
CA PHE B 179 10.65 -10.77 -3.92
C PHE B 179 9.28 -11.36 -3.59
N GLY B 180 9.23 -12.24 -2.60
CA GLY B 180 8.02 -13.00 -2.33
C GLY B 180 6.95 -12.21 -1.61
N SER B 181 7.34 -11.26 -0.77
CA SER B 181 6.39 -10.52 0.06
C SER B 181 5.96 -9.19 -0.56
N VAL B 182 6.79 -8.60 -1.41
CA VAL B 182 6.53 -7.30 -2.00
C VAL B 182 6.31 -7.43 -3.51
N GLN B 183 7.24 -8.06 -4.22
CA GLN B 183 7.20 -7.97 -5.69
C GLN B 183 6.14 -8.82 -6.33
N VAL B 184 5.99 -10.05 -5.85
CA VAL B 184 4.99 -10.97 -6.40
C VAL B 184 3.55 -10.39 -6.34
N HIS B 185 3.27 -9.59 -5.31
CA HIS B 185 1.91 -9.05 -5.06
C HIS B 185 1.69 -7.71 -5.68
N ASN B 186 2.72 -7.17 -6.30
CA ASN B 186 2.67 -5.91 -6.96
C ASN B 186 2.89 -5.96 -8.47
N LEU B 187 3.13 -7.14 -9.03
CA LEU B 187 3.05 -7.34 -10.45
C LEU B 187 1.59 -7.01 -10.84
N GLN B 188 1.38 -6.41 -12.00
CA GLN B 188 0.01 -5.98 -12.38
C GLN B 188 -0.57 -6.99 -13.36
N PRO B 189 -1.58 -7.76 -12.94
CA PRO B 189 -2.11 -8.81 -13.78
C PRO B 189 -2.64 -8.34 -15.13
N GLU B 190 -3.03 -7.06 -15.18
CA GLU B 190 -3.52 -6.40 -16.38
C GLU B 190 -2.44 -6.32 -17.45
N LYS B 191 -1.20 -6.10 -17.01
CA LYS B 191 -0.02 -5.89 -17.87
C LYS B 191 0.86 -7.12 -18.02
N VAL B 192 0.94 -7.92 -16.97
CA VAL B 192 1.93 -9.01 -16.92
C VAL B 192 1.29 -10.31 -17.36
N GLN B 193 1.86 -10.89 -18.37
CA GLN B 193 1.29 -12.08 -18.97
C GLN B 193 1.78 -13.32 -18.26
N THR B 194 3.08 -13.35 -17.95
CA THR B 194 3.76 -14.54 -17.45
C THR B 194 4.87 -14.13 -16.47
N LEU B 195 5.01 -14.85 -15.35
CA LEU B 195 6.22 -14.79 -14.53
C LEU B 195 7.03 -16.06 -14.82
N GLU B 196 8.25 -15.86 -15.30
CA GLU B 196 9.13 -16.98 -15.62
C GLU B 196 10.28 -17.03 -14.62
N ALA B 197 10.33 -18.09 -13.81
CA ALA B 197 11.42 -18.29 -12.87
C ALA B 197 12.60 -19.01 -13.54
N TRP B 198 13.81 -18.49 -13.31
CA TRP B 198 15.05 -19.17 -13.65
C TRP B 198 15.66 -19.68 -12.41
N VAL B 199 15.71 -21.00 -12.23
CA VAL B 199 16.18 -21.58 -10.99
C VAL B 199 17.62 -22.05 -11.19
N ILE B 200 18.54 -21.38 -10.53
CA ILE B 200 19.94 -21.53 -10.81
C ILE B 200 20.49 -22.61 -9.91
N HIS B 201 21.12 -23.64 -10.50
CA HIS B 201 21.72 -24.74 -9.72
C HIS B 201 23.09 -24.36 -9.21
N GLY B 202 23.45 -24.87 -8.04
CA GLY B 202 24.82 -24.73 -7.53
C GLY B 202 25.77 -25.68 -8.22
N ARG B 208 18.29 -33.09 -12.36
CA ARG B 208 17.36 -32.97 -11.24
C ARG B 208 16.50 -31.70 -11.41
N ASP B 209 15.18 -31.81 -11.30
CA ASP B 209 14.27 -30.71 -11.69
C ASP B 209 13.77 -29.90 -10.49
N LEU B 210 14.42 -28.77 -10.24
CA LEU B 210 14.08 -27.93 -9.11
C LEU B 210 12.82 -27.10 -9.36
N CYS B 211 12.32 -27.11 -10.59
CA CYS B 211 11.00 -26.52 -10.89
C CYS B 211 9.85 -27.36 -10.34
N GLN B 212 10.16 -28.55 -9.81
CA GLN B 212 9.17 -29.34 -9.09
C GLN B 212 9.36 -29.25 -7.57
N ASP B 213 10.29 -28.41 -7.11
CA ASP B 213 10.44 -28.13 -5.69
C ASP B 213 9.12 -27.61 -5.14
N PRO B 214 8.74 -28.01 -3.91
CA PRO B 214 7.51 -27.53 -3.30
C PRO B 214 7.33 -26.01 -3.27
N THR B 215 8.40 -25.25 -3.06
CA THR B 215 8.28 -23.80 -2.93
C THR B 215 8.09 -23.12 -4.28
N ILE B 216 8.54 -23.77 -5.35
CA ILE B 216 8.26 -23.30 -6.69
C ILE B 216 6.80 -23.58 -7.03
N LYS B 217 6.28 -24.75 -6.61
CA LYS B 217 4.85 -25.03 -6.75
C LYS B 217 3.99 -24.07 -5.93
N GLU B 218 4.42 -23.73 -4.72
CA GLU B 218 3.80 -22.63 -3.97
C GLU B 218 3.77 -21.33 -4.81
N LEU B 219 4.92 -20.93 -5.34
CA LEU B 219 5.03 -19.72 -6.16
C LEU B 219 4.10 -19.77 -7.35
N GLU B 220 4.09 -20.90 -8.04
CA GLU B 220 3.22 -21.14 -9.20
C GLU B 220 1.75 -20.93 -8.84
N SER B 221 1.32 -21.54 -7.75
CA SER B 221 -0.07 -21.45 -7.34
C SER B 221 -0.50 -20.03 -7.00
N ILE B 222 0.38 -19.26 -6.34
CA ILE B 222 0.16 -17.85 -5.96
C ILE B 222 0.05 -16.94 -7.20
N ILE B 223 0.97 -17.10 -8.13
CA ILE B 223 0.94 -16.33 -9.36
C ILE B 223 -0.30 -16.67 -10.20
N SER B 224 -0.63 -17.95 -10.27
CA SER B 224 -1.73 -18.41 -11.10
C SER B 224 -3.03 -17.84 -10.58
N LYS B 225 -3.19 -17.84 -9.26
CA LYS B 225 -4.41 -17.31 -8.65
C LYS B 225 -4.50 -15.78 -8.80
N ARG B 226 -3.42 -15.12 -9.21
CA ARG B 226 -3.51 -13.71 -9.53
C ARG B 226 -3.83 -13.45 -11.01
N ASN B 227 -4.08 -14.51 -11.79
CA ASN B 227 -4.37 -14.43 -13.23
C ASN B 227 -3.13 -14.05 -14.05
N ILE B 228 -1.99 -14.58 -13.64
CA ILE B 228 -0.74 -14.48 -14.36
C ILE B 228 -0.24 -15.91 -14.62
N GLN B 229 0.29 -16.16 -15.81
CA GLN B 229 0.84 -17.48 -16.11
C GLN B 229 2.18 -17.65 -15.41
N PHE B 230 2.52 -18.89 -15.10
CA PHE B 230 3.80 -19.23 -14.49
C PHE B 230 4.58 -20.21 -15.38
N SER B 231 5.87 -19.94 -15.49
CA SER B 231 6.81 -20.78 -16.20
C SER B 231 8.09 -20.87 -15.37
N CYS B 232 8.83 -21.94 -15.57
CA CYS B 232 10.02 -22.19 -14.79
C CYS B 232 11.09 -22.85 -15.64
N LYS B 233 12.35 -22.52 -15.38
CA LYS B 233 13.46 -23.09 -16.12
C LYS B 233 14.63 -23.38 -15.19
N ASN B 234 15.24 -24.55 -15.40
CA ASN B 234 16.44 -24.97 -14.68
C ASN B 234 17.64 -24.39 -15.40
N ILE B 235 18.54 -23.75 -14.66
CA ILE B 235 19.80 -23.32 -15.22
C ILE B 235 20.78 -24.24 -14.55
N TYR B 236 21.13 -25.31 -15.26
CA TYR B 236 21.91 -26.40 -14.68
C TYR B 236 23.36 -26.02 -14.43
N ARG B 237 23.92 -25.13 -15.24
CA ARG B 237 25.31 -24.69 -15.04
C ARG B 237 25.47 -23.21 -15.30
N PRO B 238 25.61 -22.41 -14.23
CA PRO B 238 25.74 -20.97 -14.33
C PRO B 238 26.82 -20.52 -15.28
N ASP B 239 27.93 -21.25 -15.29
CA ASP B 239 29.08 -20.93 -16.11
C ASP B 239 28.81 -21.06 -17.61
N LYS B 240 28.15 -22.15 -17.97
CA LYS B 240 27.70 -22.35 -19.36
C LYS B 240 26.60 -21.30 -19.70
N PHE B 241 25.77 -20.95 -18.73
CA PHE B 241 24.78 -19.90 -18.90
C PHE B 241 25.47 -18.63 -19.34
N LEU B 242 26.43 -18.17 -18.54
CA LEU B 242 27.15 -16.93 -18.86
C LEU B 242 27.99 -17.08 -20.12
N GLN B 243 28.60 -18.23 -20.33
CA GLN B 243 29.30 -18.49 -21.61
C GLN B 243 28.34 -18.17 -22.78
N CYS B 244 27.16 -18.76 -22.75
CA CYS B 244 26.18 -18.59 -23.83
C CYS B 244 25.53 -17.21 -23.91
N VAL B 245 25.33 -16.55 -22.78
CA VAL B 245 24.79 -15.20 -22.81
C VAL B 245 25.79 -14.32 -23.53
N LYS B 246 27.06 -14.43 -23.15
CA LYS B 246 28.13 -13.62 -23.72
C LYS B 246 28.46 -13.93 -25.17
N ASN B 247 28.20 -15.17 -25.60
CA ASN B 247 28.40 -15.53 -27.00
C ASN B 247 27.33 -16.51 -27.49
N PRO B 248 26.10 -16.01 -27.72
CA PRO B 248 24.94 -16.87 -27.98
C PRO B 248 24.91 -17.48 -29.39
N GLU B 249 25.73 -16.96 -30.29
CA GLU B 249 25.89 -17.54 -31.61
C GLU B 249 26.96 -18.64 -31.58
N ASP B 250 27.37 -19.04 -30.39
CA ASP B 250 28.22 -20.21 -30.19
C ASP B 250 27.36 -21.47 -30.29
N SER B 251 27.77 -22.39 -31.17
CA SER B 251 27.00 -23.59 -31.52
C SER B 251 26.70 -24.50 -30.33
N SER B 252 27.57 -24.45 -29.33
CA SER B 252 27.38 -25.16 -28.06
C SER B 252 26.11 -24.74 -27.30
N CYS B 253 25.41 -23.73 -27.80
CA CYS B 253 24.17 -23.27 -27.16
C CYS B 253 22.98 -23.57 -28.07
PA DN4 C . -8.82 7.63 8.96
O1A DN4 C . -8.52 8.31 10.27
O2A DN4 C . -7.99 6.54 8.41
O5B DN4 C . -9.72 6.44 9.67
C5B DN4 C . -10.49 5.45 8.90
C4B DN4 C . -9.88 3.99 8.79
O4B DN4 C . -9.56 3.65 7.36
C3B DN4 C . -8.63 3.67 9.61
O3B DN4 C . -8.77 2.36 10.16
C2B DN4 C . -7.50 3.67 8.58
O2B DN4 C . -6.44 2.75 8.92
C1B DN4 C . -8.17 3.23 7.28
N9A DN4 C . -7.38 3.93 6.22
C8A DN4 C . -7.19 5.25 6.09
N7A DN4 C . -6.41 5.50 5.04
C5A DN4 C . -6.08 4.33 4.50
C6A DN4 C . -5.32 3.96 3.41
N6A DN4 C . -4.72 4.89 2.66
N1A DN4 C . -5.20 2.66 3.10
C2A DN4 C . -5.78 1.72 3.85
N3A DN4 C . -6.52 2.04 4.90
C4A DN4 C . -6.69 3.33 5.25
O3 DN4 C . -10.19 8.08 8.20
PN DN4 C . -10.41 7.87 6.58
O1N DN4 C . -9.55 6.74 6.11
O2N DN4 C . -10.39 9.15 5.80
O5D DN4 C . -12.00 7.49 6.84
C5D DN4 C . -12.72 6.57 6.08
C4D DN4 C . -13.80 7.19 5.18
O4D DN4 C . -14.19 6.03 4.42
C3D DN4 C . -15.11 7.60 5.90
O3D DN4 C . -15.90 8.55 5.10
C2D DN4 C . -15.81 6.24 6.14
O2D DN4 C . -17.14 6.27 5.62
C1D DN4 C . -14.99 5.19 5.34
N1N DN4 C . -14.25 4.15 6.18
C2N DN4 C . -14.88 3.50 7.28
C3N DN4 C . -14.24 2.53 8.07
C7N DN4 C . -14.97 1.89 9.28
O7N DN4 C . -16.05 2.44 9.61
C4N DN4 C . -12.94 2.17 7.74
C5N DN4 C . -12.32 2.79 6.64
C6N DN4 C . -12.94 3.76 5.84
P2B DN4 C . -5.12 3.27 9.69
O1X DN4 C . -4.70 4.65 9.34
O2X DN4 C . -5.55 3.09 11.25
O3X DN4 C . -3.96 2.19 9.38
O8N DN4 C . -14.51 0.88 9.89
PA DN4 D . 17.58 -11.32 -0.73
O1A DN4 D . 18.66 -12.23 -1.20
O2A DN4 D . 17.53 -10.52 0.49
O5B DN4 D . 18.14 -9.91 -1.39
C5B DN4 D . 19.15 -9.04 -0.76
C4B DN4 D . 18.66 -8.00 0.34
O4B DN4 D . 17.21 -7.86 0.61
C3B DN4 D . 19.31 -8.39 1.69
O3B DN4 D . 20.04 -7.29 2.24
C2B DN4 D . 18.12 -8.76 2.58
O2B DN4 D . 18.37 -8.54 3.98
C1B DN4 D . 17.02 -7.85 2.05
N9A DN4 D . 15.72 -8.48 2.44
C8A DN4 D . 15.25 -9.65 2.03
N7A DN4 D . 14.07 -9.90 2.59
C5A DN4 D . 13.77 -8.87 3.38
C6A DN4 D . 12.69 -8.55 4.21
N6A DN4 D . 11.64 -9.37 4.33
N1A DN4 D . 12.72 -7.39 4.89
C2A DN4 D . 13.75 -6.56 4.78
N3A DN4 D . 14.79 -6.82 4.00
C4A DN4 D . 14.84 -7.97 3.29
O3 DN4 D . 16.45 -11.34 -1.91
PN DN4 D . 15.14 -10.44 -1.92
O1N DN4 D . 15.00 -9.88 -0.54
O2N DN4 D . 13.99 -11.20 -2.56
O5D DN4 D . 15.79 -9.45 -3.03
C5D DN4 D . 15.34 -8.20 -3.35
C4D DN4 D . 14.53 -8.12 -4.65
O4D DN4 D . 14.07 -6.76 -4.50
C3D DN4 D . 15.30 -8.06 -5.99
O3D DN4 D . 14.36 -8.23 -7.13
C2D DN4 D . 16.00 -6.68 -5.89
O2D DN4 D . 15.91 -5.94 -7.11
C1D DN4 D . 15.24 -5.91 -4.77
N1N DN4 D . 16.08 -5.59 -3.54
C2N DN4 D . 17.42 -5.17 -3.71
C3N DN4 D . 18.21 -4.88 -2.59
C7N DN4 D . 19.64 -4.46 -2.82
O7N DN4 D . 20.04 -4.33 -3.99
C4N DN4 D . 17.70 -4.99 -1.30
C5N DN4 D . 16.38 -5.40 -1.12
C6N DN4 D . 15.58 -5.69 -2.22
P2B DN4 D . 18.29 -9.78 5.03
O1X DN4 D . 16.94 -10.37 5.15
O2X DN4 D . 19.40 -10.85 4.51
O3X DN4 D . 18.85 -9.22 6.44
O8N DN4 D . 20.37 -4.28 -1.81
#